data_8B7D
#
_entry.id   8B7D
#
_cell.length_a   52.408
_cell.length_b   52.408
_cell.length_c   132.922
_cell.angle_alpha   90.000
_cell.angle_beta   90.000
_cell.angle_gamma   90.000
#
_symmetry.space_group_name_H-M   'P 41 21 2'
#
loop_
_entity.id
_entity.type
_entity.pdbx_description
1 polymer 'Transmembrane protein 106B'
2 non-polymer 2-acetamido-2-deoxy-beta-D-glucopyranose
3 water water
#
_entity_poly.entity_id   1
_entity_poly.type   'polypeptide(L)'
_entity_poly.pdbx_seq_one_letter_code
;METDTLLLWVLLLWVPGSTGDAAQPRSIDVKYIGVKSAYVSYDVQKRTIYLNITNTLNITNNNYYSVEVENITAQVQFSK
TVIGKARLNNITIIGPLDMKQIDYTVPTVIAEEMSYMYDFCTLISIKVHNIVLMMQVTVTTTYFGHSEQISQERYQYVDC
GRNTTYQLGQSEYLNVLQPQQGSGENLYFQSAGHHHHHH
;
_entity_poly.pdbx_strand_id   A
#
# COMPACT_ATOMS: atom_id res chain seq x y z
N ALA A 22 31.59 -8.41 -2.66
CA ALA A 22 30.53 -7.91 -1.77
C ALA A 22 30.76 -6.45 -1.39
N ALA A 23 30.30 -5.54 -2.26
CA ALA A 23 30.57 -4.12 -2.11
C ALA A 23 29.38 -3.42 -1.46
N GLN A 24 29.63 -2.81 -0.31
CA GLN A 24 28.66 -2.04 0.43
C GLN A 24 28.92 -0.55 0.28
N PRO A 25 27.94 0.32 0.60
CA PRO A 25 26.59 0.07 1.10
C PRO A 25 25.62 -0.37 0.02
N ARG A 26 25.14 -1.61 0.07
CA ARG A 26 24.04 -2.02 -0.80
C ARG A 26 22.75 -1.41 -0.30
N SER A 27 21.99 -0.82 -1.22
CA SER A 27 20.75 -0.15 -0.85
C SER A 27 19.70 -1.18 -0.42
N ILE A 28 18.81 -0.73 0.46
CA ILE A 28 17.68 -1.56 0.87
C ILE A 28 16.85 -1.94 -0.34
N ASP A 29 16.30 -3.16 -0.30
CA ASP A 29 15.49 -3.70 -1.39
C ASP A 29 14.03 -3.68 -0.96
N VAL A 30 13.20 -2.96 -1.72
CA VAL A 30 11.78 -2.80 -1.41
C VAL A 30 10.97 -3.38 -2.55
N LYS A 31 10.19 -4.41 -2.25
CA LYS A 31 9.31 -5.05 -3.22
C LYS A 31 7.88 -4.93 -2.73
N TYR A 32 7.00 -4.40 -3.58
CA TYR A 32 5.59 -4.28 -3.25
C TYR A 32 4.86 -5.56 -3.67
N ILE A 33 4.36 -6.31 -2.71
CA ILE A 33 3.77 -7.62 -2.96
C ILE A 33 2.41 -7.49 -3.62
N GLY A 34 1.44 -6.96 -2.88
CA GLY A 34 0.08 -6.87 -3.40
C GLY A 34 -0.90 -6.53 -2.28
N VAL A 35 -2.17 -6.84 -2.53
CA VAL A 35 -3.23 -6.60 -1.57
C VAL A 35 -3.52 -7.92 -0.86
N LYS A 36 -3.31 -7.94 0.46
CA LYS A 36 -3.60 -9.13 1.24
C LYS A 36 -5.08 -9.20 1.61
N SER A 37 -5.67 -8.06 1.97
CA SER A 37 -7.08 -8.00 2.31
C SER A 37 -7.63 -6.63 1.93
N ALA A 38 -8.94 -6.58 1.67
CA ALA A 38 -9.61 -5.33 1.34
C ALA A 38 -11.08 -5.44 1.73
N TYR A 39 -11.52 -4.56 2.61
CA TYR A 39 -12.91 -4.53 3.06
C TYR A 39 -13.57 -3.28 2.54
N VAL A 40 -14.78 -3.44 2.02
CA VAL A 40 -15.50 -2.37 1.34
C VAL A 40 -16.79 -2.09 2.09
N SER A 41 -17.12 -0.80 2.21
CA SER A 41 -18.42 -0.37 2.69
C SER A 41 -18.91 0.76 1.79
N TYR A 42 -20.23 0.86 1.67
CA TYR A 42 -20.87 1.85 0.82
C TYR A 42 -21.88 2.66 1.63
N ASP A 43 -21.87 3.96 1.41
CA ASP A 43 -22.89 4.86 1.96
C ASP A 43 -23.76 5.31 0.79
N VAL A 44 -25.01 4.85 0.79
CA VAL A 44 -25.92 5.16 -0.30
C VAL A 44 -26.12 6.68 -0.42
N GLN A 45 -26.34 7.34 0.71
CA GLN A 45 -26.82 8.71 0.68
C GLN A 45 -25.72 9.70 0.30
N LYS A 46 -24.49 9.44 0.73
CA LYS A 46 -23.36 10.25 0.29
C LYS A 46 -22.73 9.72 -1.01
N ARG A 47 -23.17 8.55 -1.46
CA ARG A 47 -22.66 7.89 -2.67
C ARG A 47 -21.13 7.81 -2.64
N THR A 48 -20.64 7.08 -1.64
CA THR A 48 -19.21 6.91 -1.43
C THR A 48 -18.89 5.44 -1.28
N ILE A 49 -17.69 5.08 -1.69
CA ILE A 49 -17.10 3.79 -1.37
C ILE A 49 -16.08 4.00 -0.26
N TYR A 50 -16.16 3.16 0.77
CA TYR A 50 -15.15 3.08 1.80
C TYR A 50 -14.35 1.80 1.55
N LEU A 51 -13.04 1.96 1.34
CA LEU A 51 -12.21 0.87 0.84
C LEU A 51 -10.95 0.78 1.70
N ASN A 52 -10.89 -0.23 2.58
CA ASN A 52 -9.76 -0.44 3.48
C ASN A 52 -8.84 -1.51 2.89
N ILE A 53 -7.69 -1.07 2.38
CA ILE A 53 -6.76 -1.95 1.69
C ILE A 53 -5.57 -2.23 2.59
N THR A 54 -5.29 -3.51 2.84
CA THR A 54 -4.11 -3.91 3.58
C THR A 54 -3.06 -4.40 2.57
N ASN A 55 -1.96 -3.67 2.47
CA ASN A 55 -0.87 -3.99 1.54
C ASN A 55 0.29 -4.65 2.27
N THR A 56 0.97 -5.56 1.57
CA THR A 56 2.14 -6.24 2.10
C THR A 56 3.38 -5.73 1.38
N LEU A 57 4.46 -5.51 2.13
CA LEU A 57 5.69 -4.92 1.64
C LEU A 57 6.85 -5.81 2.04
N ASN A 58 7.71 -6.18 1.09
CA ASN A 58 8.90 -6.96 1.37
C ASN A 58 10.11 -6.03 1.43
N ILE A 59 10.80 -5.98 2.57
CA ILE A 59 11.99 -5.14 2.75
C ILE A 59 13.17 -6.06 3.05
N THR A 60 14.19 -6.02 2.20
CA THR A 60 15.35 -6.88 2.35
C THR A 60 16.61 -6.04 2.52
N ASN A 61 17.43 -6.43 3.51
CA ASN A 61 18.73 -5.82 3.78
C ASN A 61 19.82 -6.82 3.40
N ASN A 62 20.60 -6.50 2.38
CA ASN A 62 21.69 -7.35 1.94
C ASN A 62 23.06 -6.86 2.41
N ASN A 63 23.08 -5.98 3.42
CA ASN A 63 24.32 -5.52 4.01
C ASN A 63 24.67 -6.36 5.23
N TYR A 64 25.94 -6.36 5.60
CA TYR A 64 26.38 -7.04 6.80
C TYR A 64 26.33 -6.15 8.04
N TYR A 65 25.61 -5.04 7.98
CA TYR A 65 25.40 -4.16 9.12
C TYR A 65 23.90 -3.88 9.25
N SER A 66 23.47 -3.60 10.49
CA SER A 66 22.09 -3.22 10.74
C SER A 66 21.77 -1.90 10.06
N VAL A 67 20.51 -1.75 9.66
CA VAL A 67 19.99 -0.53 9.09
C VAL A 67 18.57 -0.35 9.59
N GLU A 68 18.21 0.87 9.97
CA GLU A 68 16.89 1.13 10.51
C GLU A 68 16.01 1.84 9.50
N VAL A 69 14.74 1.47 9.49
CA VAL A 69 13.74 2.03 8.58
C VAL A 69 13.08 3.19 9.32
N GLU A 70 13.49 4.42 8.98
CA GLU A 70 13.04 5.59 9.72
C GLU A 70 11.51 5.72 9.68
N ASN A 71 10.94 5.69 8.47
CA ASN A 71 9.49 5.77 8.32
C ASN A 71 9.09 5.24 6.95
N ILE A 72 7.79 5.00 6.79
CA ILE A 72 7.19 4.61 5.53
C ILE A 72 5.95 5.47 5.31
N THR A 73 5.86 6.12 4.16
CA THR A 73 4.68 6.87 3.76
C THR A 73 4.14 6.26 2.47
N ALA A 74 2.84 5.96 2.44
CA ALA A 74 2.20 5.37 1.29
C ALA A 74 0.88 6.07 1.01
N GLN A 75 0.49 6.07 -0.27
CA GLN A 75 -0.76 6.71 -0.69
C GLN A 75 -1.42 5.88 -1.78
N VAL A 76 -2.75 5.71 -1.68
CA VAL A 76 -3.52 4.99 -2.68
C VAL A 76 -4.14 6.00 -3.64
N GLN A 77 -3.94 5.78 -4.93
CA GLN A 77 -4.39 6.71 -5.95
C GLN A 77 -5.35 5.99 -6.91
N PHE A 78 -6.37 6.72 -7.35
CA PHE A 78 -7.33 6.22 -8.33
C PHE A 78 -7.73 7.36 -9.26
N SER A 79 -7.79 7.07 -10.55
CA SER A 79 -8.14 8.06 -11.56
C SER A 79 -7.30 9.32 -11.36
N LYS A 80 -6.01 9.10 -11.16
CA LYS A 80 -5.03 10.19 -10.99
C LYS A 80 -5.41 11.09 -9.83
N THR A 81 -6.00 10.50 -8.79
CA THR A 81 -6.56 11.24 -7.67
C THR A 81 -6.27 10.47 -6.40
N VAL A 82 -5.56 11.10 -5.46
CA VAL A 82 -5.23 10.45 -4.21
C VAL A 82 -6.51 10.21 -3.43
N ILE A 83 -6.76 8.95 -3.06
CA ILE A 83 -7.98 8.56 -2.36
C ILE A 83 -7.70 8.10 -0.94
N GLY A 84 -6.44 8.03 -0.53
CA GLY A 84 -6.10 7.54 0.80
C GLY A 84 -4.62 7.66 1.03
N LYS A 85 -4.24 7.61 2.31
CA LYS A 85 -2.87 7.85 2.69
C LYS A 85 -2.64 7.28 4.09
N ALA A 86 -1.39 6.91 4.35
CA ALA A 86 -1.03 6.35 5.65
C ALA A 86 0.43 6.69 5.95
N ARG A 87 0.75 6.81 7.24
CA ARG A 87 2.11 7.09 7.69
C ARG A 87 2.51 6.14 8.80
N LEU A 88 3.69 5.54 8.66
CA LEU A 88 4.25 4.63 9.64
C LEU A 88 5.57 5.20 10.17
N ASN A 89 5.73 5.19 11.49
CA ASN A 89 6.93 5.74 12.11
C ASN A 89 7.64 4.66 12.90
N ASN A 90 8.98 4.79 12.98
CA ASN A 90 9.86 3.86 13.67
C ASN A 90 9.43 2.42 13.39
N ILE A 91 9.69 1.96 12.16
CA ILE A 91 9.19 0.65 11.75
C ILE A 91 9.87 -0.42 12.57
N THR A 92 11.16 -0.62 12.35
CA THR A 92 11.98 -1.59 13.06
C THR A 92 13.41 -1.46 12.59
N ILE A 93 14.32 -2.01 13.37
CA ILE A 93 15.70 -2.18 12.94
C ILE A 93 15.77 -3.52 12.21
N ILE A 94 16.44 -3.53 11.07
CA ILE A 94 16.62 -4.74 10.27
C ILE A 94 18.09 -5.15 10.34
N GLY A 95 18.35 -6.31 10.95
CA GLY A 95 19.70 -6.76 11.16
C GLY A 95 20.37 -7.19 9.87
N PRO A 96 21.64 -7.58 9.98
CA PRO A 96 22.41 -7.94 8.79
C PRO A 96 21.82 -9.13 8.07
N LEU A 97 21.76 -9.03 6.74
CA LEU A 97 21.29 -10.06 5.83
C LEU A 97 19.83 -10.46 6.07
N ASP A 98 19.09 -9.70 6.86
CA ASP A 98 17.72 -10.08 7.19
C ASP A 98 16.73 -9.38 6.27
N MET A 99 15.48 -9.85 6.31
CA MET A 99 14.39 -9.21 5.61
C MET A 99 13.15 -9.26 6.50
N LYS A 100 12.27 -8.26 6.32
CA LYS A 100 11.04 -8.17 7.10
C LYS A 100 9.84 -8.04 6.15
N GLN A 101 8.79 -8.79 6.44
CA GLN A 101 7.50 -8.60 5.78
C GLN A 101 6.69 -7.58 6.55
N ILE A 102 6.21 -6.55 5.86
CA ILE A 102 5.53 -5.43 6.51
C ILE A 102 4.17 -5.24 5.86
N ASP A 103 3.12 -5.40 6.66
CA ASP A 103 1.75 -5.13 6.26
C ASP A 103 1.34 -3.75 6.77
N TYR A 104 0.73 -2.96 5.91
CA TYR A 104 0.20 -1.65 6.30
C TYR A 104 -1.18 -1.45 5.69
N THR A 105 -2.12 -1.00 6.50
CA THR A 105 -3.50 -0.76 6.07
C THR A 105 -3.69 0.70 5.68
N VAL A 106 -4.38 0.93 4.58
CA VAL A 106 -4.66 2.28 4.10
C VAL A 106 -6.16 2.42 3.88
N PRO A 107 -6.85 3.17 4.73
CA PRO A 107 -8.28 3.45 4.48
C PRO A 107 -8.43 4.50 3.39
N THR A 108 -9.24 4.17 2.38
CA THR A 108 -9.43 5.04 1.23
C THR A 108 -10.91 5.32 1.04
N VAL A 109 -11.20 6.42 0.34
CA VAL A 109 -12.56 6.88 0.09
C VAL A 109 -12.66 7.36 -1.34
N ILE A 110 -13.69 6.91 -2.05
CA ILE A 110 -13.98 7.34 -3.41
C ILE A 110 -15.37 7.99 -3.37
N ALA A 111 -15.40 9.31 -3.57
CA ALA A 111 -16.65 10.05 -3.47
C ALA A 111 -16.52 11.35 -4.28
N GLU A 112 -17.52 12.21 -4.17
CA GLU A 112 -17.53 13.52 -4.80
C GLU A 112 -17.26 13.42 -6.29
N GLU A 113 -16.09 13.92 -6.72
CA GLU A 113 -15.76 14.01 -8.14
C GLU A 113 -15.86 12.65 -8.85
N MET A 114 -15.62 11.56 -8.13
CA MET A 114 -15.61 10.21 -8.69
C MET A 114 -16.76 9.39 -8.13
N SER A 115 -17.88 10.04 -7.85
CA SER A 115 -19.04 9.32 -7.29
C SER A 115 -19.65 8.35 -8.28
N TYR A 116 -19.29 8.44 -9.56
CA TYR A 116 -19.75 7.44 -10.53
C TYR A 116 -19.27 6.04 -10.18
N MET A 117 -18.20 5.92 -9.39
CA MET A 117 -17.73 4.61 -9.00
C MET A 117 -18.71 3.89 -8.09
N TYR A 118 -19.55 4.65 -7.36
CA TYR A 118 -20.58 4.00 -6.54
C TYR A 118 -21.47 3.13 -7.40
N ASP A 119 -21.91 3.65 -8.54
CA ASP A 119 -22.79 2.89 -9.41
C ASP A 119 -22.10 1.65 -9.95
N PHE A 120 -20.87 1.82 -10.44
CA PHE A 120 -20.16 0.70 -11.03
C PHE A 120 -19.86 -0.38 -9.99
N CYS A 121 -19.39 0.03 -8.80
CA CYS A 121 -19.01 -0.94 -7.78
C CYS A 121 -20.24 -1.66 -7.20
N THR A 122 -21.41 -1.03 -7.23
CA THR A 122 -22.65 -1.68 -6.81
C THR A 122 -23.45 -2.21 -8.00
N LEU A 123 -22.81 -2.42 -9.14
CA LEU A 123 -23.50 -2.90 -10.32
C LEU A 123 -23.84 -4.38 -10.13
N ILE A 124 -25.07 -4.76 -10.48
CA ILE A 124 -25.54 -6.12 -10.26
C ILE A 124 -25.31 -7.03 -11.46
N SER A 125 -25.36 -6.48 -12.67
CA SER A 125 -25.29 -7.29 -13.89
C SER A 125 -23.95 -7.98 -14.04
N ILE A 126 -22.90 -7.51 -13.35
CA ILE A 126 -21.57 -8.11 -13.40
C ILE A 126 -21.28 -8.76 -12.07
N LYS A 127 -20.57 -9.89 -12.11
CA LYS A 127 -20.31 -10.67 -10.90
C LYS A 127 -19.07 -10.22 -10.15
N VAL A 128 -18.08 -9.66 -10.85
CA VAL A 128 -16.84 -9.17 -10.25
C VAL A 128 -16.57 -7.76 -10.76
N HIS A 129 -16.16 -6.87 -9.86
CA HIS A 129 -15.94 -5.45 -10.16
C HIS A 129 -14.46 -5.14 -9.87
N ASN A 130 -13.62 -5.24 -10.90
CA ASN A 130 -12.20 -4.96 -10.77
C ASN A 130 -11.90 -3.57 -11.30
N ILE A 131 -11.15 -2.80 -10.51
CA ILE A 131 -10.64 -1.48 -10.89
C ILE A 131 -9.15 -1.47 -10.61
N VAL A 132 -8.45 -0.52 -11.22
CA VAL A 132 -7.00 -0.40 -11.08
C VAL A 132 -6.70 0.77 -10.15
N LEU A 133 -6.01 0.49 -9.05
CA LEU A 133 -5.52 1.55 -8.19
C LEU A 133 -4.02 1.73 -8.41
N MET A 134 -3.56 2.94 -8.15
CA MET A 134 -2.14 3.26 -8.24
C MET A 134 -1.56 3.35 -6.84
N MET A 135 -0.66 2.44 -6.50
CA MET A 135 -0.02 2.40 -5.21
C MET A 135 1.31 3.14 -5.24
N GLN A 136 1.52 4.03 -4.28
CA GLN A 136 2.78 4.73 -4.09
C GLN A 136 3.25 4.47 -2.67
N VAL A 137 4.54 4.17 -2.52
CA VAL A 137 5.11 3.93 -1.20
C VAL A 137 6.53 4.48 -1.20
N THR A 138 6.92 5.07 -0.07
CA THR A 138 8.27 5.61 0.09
C THR A 138 8.83 5.13 1.43
N VAL A 139 9.93 4.39 1.36
CA VAL A 139 10.61 3.85 2.53
C VAL A 139 11.91 4.64 2.72
N THR A 140 12.06 5.24 3.89
CA THR A 140 13.28 5.99 4.25
C THR A 140 14.09 5.16 5.24
N THR A 141 15.31 4.80 4.84
CA THR A 141 16.24 4.06 5.69
C THR A 141 17.47 4.92 5.94
N THR A 142 18.06 4.79 7.13
CA THR A 142 19.27 5.51 7.47
C THR A 142 20.37 4.53 7.84
N TYR A 143 21.57 4.82 7.37
CA TYR A 143 22.74 4.01 7.64
C TYR A 143 23.96 4.92 7.74
N PHE A 144 24.69 4.80 8.85
CA PHE A 144 25.96 5.50 9.05
C PHE A 144 25.79 7.01 8.87
N GLY A 145 24.68 7.52 9.41
CA GLY A 145 24.37 8.93 9.32
C GLY A 145 23.92 9.43 7.97
N HIS A 146 23.77 8.55 6.98
CA HIS A 146 23.22 8.92 5.69
C HIS A 146 21.80 8.39 5.57
N SER A 147 20.94 9.17 4.96
CA SER A 147 19.54 8.82 4.78
C SER A 147 19.29 8.52 3.31
N GLU A 148 18.90 7.30 3.02
CA GLU A 148 18.50 6.91 1.68
C GLU A 148 16.98 6.81 1.62
N GLN A 149 16.45 7.04 0.43
CA GLN A 149 15.01 7.05 0.24
C GLN A 149 14.66 6.19 -0.96
N ILE A 150 13.74 5.25 -0.77
CA ILE A 150 13.35 4.30 -1.79
C ILE A 150 11.85 4.43 -2.01
N SER A 151 11.46 4.73 -3.25
CA SER A 151 10.07 4.88 -3.60
C SER A 151 9.69 3.94 -4.73
N GLN A 152 8.41 3.64 -4.82
CA GLN A 152 7.90 2.80 -5.89
C GLN A 152 6.49 3.25 -6.24
N GLU A 153 6.14 3.10 -7.51
CA GLU A 153 4.77 3.25 -7.99
C GLU A 153 4.38 2.00 -8.76
N ARG A 154 3.37 1.30 -8.27
CA ARG A 154 2.88 0.08 -8.89
C ARG A 154 1.36 0.13 -9.00
N TYR A 155 0.85 -0.29 -10.16
CA TYR A 155 -0.59 -0.39 -10.38
C TYR A 155 -1.08 -1.75 -9.89
N GLN A 156 -2.22 -1.73 -9.20
CA GLN A 156 -2.70 -2.87 -8.44
C GLN A 156 -4.18 -3.06 -8.67
N TYR A 157 -4.59 -4.31 -8.92
CA TYR A 157 -6.00 -4.61 -9.10
C TYR A 157 -6.69 -4.74 -7.76
N VAL A 158 -7.91 -4.23 -7.67
CA VAL A 158 -8.75 -4.35 -6.48
C VAL A 158 -10.18 -4.61 -6.93
N ASP A 159 -10.90 -5.42 -6.16
CA ASP A 159 -12.31 -5.68 -6.38
C ASP A 159 -13.09 -4.78 -5.44
N CYS A 160 -13.73 -3.74 -5.99
CA CYS A 160 -14.50 -2.81 -5.18
C CYS A 160 -15.93 -3.27 -4.94
N GLY A 161 -16.33 -4.41 -5.49
CA GLY A 161 -17.68 -4.89 -5.34
C GLY A 161 -17.89 -5.90 -4.23
N ARG A 162 -16.85 -6.21 -3.45
CA ARG A 162 -16.92 -7.23 -2.41
C ARG A 162 -15.64 -7.18 -1.58
N ASN A 163 -15.70 -7.81 -0.41
CA ASN A 163 -14.53 -7.90 0.45
C ASN A 163 -13.54 -8.93 -0.10
N THR A 164 -12.26 -8.63 0.08
CA THR A 164 -11.18 -9.57 -0.19
C THR A 164 -10.55 -9.92 1.15
N THR A 165 -10.86 -11.08 1.71
CA THR A 165 -10.36 -11.46 3.02
C THR A 165 -9.11 -12.32 2.89
N TYR A 166 -8.50 -12.60 4.04
CA TYR A 166 -7.28 -13.40 4.11
C TYR A 166 -7.28 -14.18 5.42
N GLN A 167 -7.07 -15.49 5.34
CA GLN A 167 -7.04 -16.36 6.50
C GLN A 167 -5.95 -17.41 6.30
N LEU A 168 -4.95 -17.39 7.17
CA LEU A 168 -3.77 -18.25 7.03
C LEU A 168 -4.12 -19.72 6.79
#